data_4NKT
#
_entry.id   4NKT
#
_cell.length_a   53.770
_cell.length_b   77.320
_cell.length_c   82.110
_cell.angle_alpha   90.00
_cell.angle_beta   90.86
_cell.angle_gamma   90.00
#
_symmetry.space_group_name_H-M   'P 1 21 1'
#
loop_
_entity.id
_entity.type
_entity.pdbx_description
1 polymer 'Poly(A) RNA polymerase protein cid1'
2 non-polymer "5'-O-[(S)-hydroxy{[(S)-hydroxy(phosphonooxy)phosphoryl]amino}phosphoryl]uridine"
3 non-polymer 'BROMIDE ION'
4 non-polymer 'MAGNESIUM ION'
5 water water
#
_entity_poly.entity_id   1
_entity_poly.type   'polypeptide(L)'
_entity_poly.pdbx_seq_one_letter_code
;GDMSHKEFTKFCYEVYNEIKISDKEFKEKRAALDTLRLCLKRISPDAELVAFGSLESGLALKNSDMDLCVLMDSRVQSDT
IALQFYEELIAEGFEGKFLQRARIPIIKLTSDTKNGFGASFQCAIGFNNRLAIHNTLLLSSYTKLDARLKPMVLLVKHWA
KRKQINSPYFGTLSSYGYVLMVLYYLIHVIKPPVFPNLLLSPLKQEKIVDGFDVGFDDKLEDIPPSQNYSSLGSLLHGFF
RFYAYKFEPREKVVTFRRPDGYLTKQEKGWTSATEHTGSADQIIKDRYILAIEDPFEISHNVGRTVSSSGLYRIRGEFMA
ASRLLNSRSYPIPYDSLFEEA
;
_entity_poly.pdbx_strand_id   A,B
#
# COMPACT_ATOMS: atom_id res chain seq x y z
N ASP A 2 34.76 -24.66 17.86
CA ASP A 2 34.81 -23.60 16.86
C ASP A 2 35.05 -22.22 17.47
N MET A 3 36.31 -21.80 17.51
CA MET A 3 36.63 -20.45 18.02
C MET A 3 36.91 -19.44 16.90
N SER A 4 36.63 -19.84 15.66
CA SER A 4 36.90 -19.01 14.49
C SER A 4 36.22 -17.63 14.52
N HIS A 5 35.06 -17.57 15.15
CA HIS A 5 34.23 -16.37 15.15
C HIS A 5 33.82 -15.96 16.55
N LYS A 6 34.75 -16.09 17.49
CA LYS A 6 34.44 -15.86 18.90
C LYS A 6 33.92 -14.45 19.17
N GLU A 7 34.63 -13.43 18.70
CA GLU A 7 34.20 -12.04 18.96
C GLU A 7 32.90 -11.66 18.26
N PHE A 8 32.73 -12.14 17.03
CA PHE A 8 31.51 -11.82 16.28
C PHE A 8 30.31 -12.48 16.97
N THR A 9 30.51 -13.71 17.44
CA THR A 9 29.47 -14.45 18.14
C THR A 9 29.07 -13.73 19.43
N LYS A 10 30.05 -13.26 20.20
CA LYS A 10 29.75 -12.46 21.38
C LYS A 10 28.86 -11.27 21.04
N PHE A 11 29.24 -10.53 20.00
CA PHE A 11 28.44 -9.40 19.51
C PHE A 11 27.03 -9.86 19.10
N CYS A 12 26.95 -10.97 18.37
CA CYS A 12 25.65 -11.48 17.93
C CYS A 12 24.67 -11.71 19.08
N TYR A 13 25.15 -12.34 20.15
CA TYR A 13 24.27 -12.60 21.30
C TYR A 13 23.91 -11.31 22.04
N GLU A 14 24.83 -10.36 22.07
CA GLU A 14 24.50 -9.05 22.65
C GLU A 14 23.38 -8.37 21.90
N VAL A 15 23.47 -8.32 20.58
CA VAL A 15 22.42 -7.73 19.77
C VAL A 15 21.11 -8.52 19.89
N TYR A 16 21.22 -9.84 19.80
CA TYR A 16 20.07 -10.72 20.01
C TYR A 16 19.27 -10.40 21.27
N ASN A 17 19.96 -10.27 22.40
CA ASN A 17 19.27 -9.97 23.65
C ASN A 17 18.62 -8.58 23.66
N GLU A 18 19.08 -7.67 22.79
CA GLU A 18 18.47 -6.34 22.67
C GLU A 18 17.24 -6.34 21.79
N ILE A 19 17.21 -7.20 20.78
CA ILE A 19 16.14 -7.14 19.78
C ILE A 19 15.01 -8.16 19.99
N LYS A 20 15.25 -9.17 20.81
CA LYS A 20 14.26 -10.25 20.97
C LYS A 20 13.05 -9.76 21.77
N ILE A 21 11.88 -10.34 21.50
CA ILE A 21 10.68 -9.96 22.26
C ILE A 21 10.85 -10.31 23.75
N SER A 22 10.46 -9.37 24.61
CA SER A 22 10.57 -9.61 26.06
C SER A 22 9.46 -10.53 26.55
N ASP A 23 9.66 -11.17 27.70
CA ASP A 23 8.61 -11.99 28.28
C ASP A 23 7.39 -11.14 28.60
N LYS A 24 7.59 -9.90 29.04
CA LYS A 24 6.49 -8.97 29.27
C LYS A 24 5.61 -8.75 28.03
N GLU A 25 6.27 -8.48 26.89
CA GLU A 25 5.51 -8.23 25.68
C GLU A 25 4.84 -9.52 25.20
N PHE A 26 5.51 -10.66 25.40
CA PHE A 26 4.95 -11.92 24.98
C PHE A 26 3.65 -12.19 25.76
N LYS A 27 3.69 -11.95 27.07
CA LYS A 27 2.50 -12.17 27.91
C LYS A 27 1.35 -11.27 27.48
N GLU A 28 1.68 -10.03 27.15
CA GLU A 28 0.67 -9.05 26.71
C GLU A 28 -0.03 -9.53 25.45
N LYS A 29 0.74 -10.02 24.49
CA LYS A 29 0.18 -10.52 23.24
C LYS A 29 -0.68 -11.77 23.49
N ARG A 30 -0.21 -12.66 24.36
CA ARG A 30 -1.03 -13.80 24.76
C ARG A 30 -2.34 -13.31 25.37
N ALA A 31 -2.25 -12.28 26.20
CA ALA A 31 -3.46 -11.73 26.81
C ALA A 31 -4.39 -11.12 25.77
N ALA A 32 -3.82 -10.47 24.75
CA ALA A 32 -4.65 -9.91 23.68
C ALA A 32 -5.34 -11.02 22.91
N LEU A 33 -4.63 -12.12 22.66
CA LEU A 33 -5.24 -13.25 22.00
C LEU A 33 -6.40 -13.82 22.85
N ASP A 34 -6.21 -13.92 24.15
CA ASP A 34 -7.29 -14.40 25.03
C ASP A 34 -8.54 -13.53 24.91
N THR A 35 -8.35 -12.22 24.88
CA THR A 35 -9.45 -11.25 24.80
C THR A 35 -10.17 -11.36 23.46
N LEU A 36 -9.40 -11.52 22.39
CA LEU A 36 -9.99 -11.57 21.05
C LEU A 36 -10.72 -12.89 20.83
N ARG A 37 -10.23 -13.96 21.45
CA ARG A 37 -10.85 -15.26 21.34
C ARG A 37 -12.21 -15.23 22.05
N LEU A 38 -12.24 -14.61 23.23
CA LEU A 38 -13.50 -14.49 23.97
C LEU A 38 -14.52 -13.71 23.12
N CYS A 39 -14.05 -12.68 22.43
CA CYS A 39 -14.92 -11.89 21.58
CA CYS A 39 -14.92 -11.89 21.57
C CYS A 39 -15.49 -12.71 20.42
N LEU A 40 -14.66 -13.57 19.83
CA LEU A 40 -15.09 -14.37 18.68
C LEU A 40 -16.14 -15.38 19.10
N LYS A 41 -15.97 -15.95 20.29
CA LYS A 41 -16.93 -16.92 20.81
C LYS A 41 -18.28 -16.30 21.12
N ARG A 42 -18.33 -14.98 21.20
CA ARG A 42 -19.62 -14.27 21.23
C ARG A 42 -20.35 -14.33 19.90
N ILE A 43 -19.59 -14.53 18.82
CA ILE A 43 -20.19 -14.55 17.50
C ILE A 43 -20.60 -15.96 17.09
N SER A 44 -19.75 -16.93 17.39
CA SER A 44 -20.00 -18.29 16.95
C SER A 44 -19.25 -19.25 17.88
N PRO A 45 -19.92 -20.36 18.24
CA PRO A 45 -19.26 -21.39 19.05
C PRO A 45 -18.36 -22.24 18.17
N ASP A 46 -18.56 -22.15 16.86
CA ASP A 46 -17.90 -23.04 15.90
C ASP A 46 -16.71 -22.38 15.21
N ALA A 47 -16.33 -21.22 15.70
CA ALA A 47 -15.17 -20.50 15.17
C ALA A 47 -14.06 -20.56 16.19
N GLU A 48 -12.83 -20.77 15.75
CA GLU A 48 -11.70 -20.73 16.67
C GLU A 48 -10.71 -19.68 16.18
N LEU A 49 -9.94 -19.14 17.11
CA LEU A 49 -8.98 -18.11 16.78
C LEU A 49 -7.61 -18.68 17.08
N VAL A 50 -6.75 -18.71 16.06
CA VAL A 50 -5.46 -19.40 16.15
C VAL A 50 -4.34 -18.41 15.82
N ALA A 51 -3.30 -18.37 16.65
CA ALA A 51 -2.12 -17.55 16.35
C ALA A 51 -1.18 -18.31 15.40
N PHE A 52 -0.52 -17.59 14.50
CA PHE A 52 0.52 -18.17 13.66
C PHE A 52 1.63 -17.15 13.49
N GLY A 53 2.62 -17.48 12.67
CA GLY A 53 3.68 -16.51 12.41
C GLY A 53 4.69 -16.43 13.55
N SER A 54 5.45 -15.34 13.60
CA SER A 54 6.68 -15.30 14.39
C SER A 54 6.46 -15.39 15.90
N LEU A 55 5.36 -14.83 16.40
CA LEU A 55 5.02 -14.94 17.82
C LEU A 55 4.85 -16.39 18.24
N GLU A 56 4.15 -17.15 17.41
CA GLU A 56 3.83 -18.55 17.69
C GLU A 56 5.06 -19.46 17.52
N SER A 57 5.92 -19.14 16.56
CA SER A 57 7.09 -19.96 16.31
C SER A 57 8.24 -19.61 17.25
N GLY A 58 8.15 -18.45 17.89
CA GLY A 58 9.21 -17.99 18.79
C GLY A 58 10.29 -17.19 18.06
N LEU A 59 9.94 -16.69 16.89
CA LEU A 59 10.92 -15.99 16.03
C LEU A 59 10.60 -14.50 15.94
N ALA A 60 10.03 -13.95 17.01
CA ALA A 60 9.55 -12.57 17.02
C ALA A 60 10.58 -11.58 17.57
N LEU A 61 10.67 -10.43 16.90
CA LEU A 61 11.40 -9.27 17.41
C LEU A 61 10.50 -8.47 18.35
N LYS A 62 11.08 -7.60 19.18
CA LYS A 62 10.25 -6.79 20.06
C LYS A 62 9.39 -5.81 19.24
N ASN A 63 8.25 -5.39 19.81
CA ASN A 63 7.29 -4.56 19.10
C ASN A 63 6.75 -5.22 17.83
N SER A 64 6.46 -6.52 17.92
CA SER A 64 5.97 -7.26 16.76
C SER A 64 4.45 -7.17 16.64
N ASP A 65 3.96 -7.28 15.41
CA ASP A 65 2.52 -7.36 15.18
C ASP A 65 2.10 -8.81 15.37
N MET A 66 0.84 -9.03 15.68
CA MET A 66 0.31 -10.38 15.81
C MET A 66 -0.31 -10.80 14.49
N ASP A 67 -0.22 -12.09 14.19
CA ASP A 67 -0.91 -12.65 13.05
C ASP A 67 -1.85 -13.68 13.61
N LEU A 68 -3.14 -13.49 13.38
CA LEU A 68 -4.12 -14.45 13.86
C LEU A 68 -4.96 -14.95 12.71
N CYS A 69 -5.64 -16.05 12.95
CA CYS A 69 -6.39 -16.74 11.94
C CYS A 69 -7.69 -17.28 12.53
N VAL A 70 -8.83 -16.86 11.98
CA VAL A 70 -10.13 -17.47 12.34
C VAL A 70 -10.39 -18.74 11.51
N LEU A 71 -10.59 -19.87 12.20
CA LEU A 71 -10.89 -21.14 11.52
C LEU A 71 -12.34 -21.55 11.71
N MET A 72 -12.99 -21.90 10.60
CA MET A 72 -14.35 -22.45 10.65
C MET A 72 -14.46 -23.64 9.71
N THR A 80 -20.16 -14.33 5.59
CA THR A 80 -19.17 -14.85 6.52
C THR A 80 -19.32 -14.29 7.94
N ILE A 81 -18.50 -14.83 8.82
CA ILE A 81 -18.40 -14.41 10.21
C ILE A 81 -17.51 -13.17 10.29
N ALA A 82 -16.79 -12.92 9.19
CA ALA A 82 -15.79 -11.86 9.15
C ALA A 82 -16.38 -10.50 9.52
N LEU A 83 -17.49 -10.15 8.88
CA LEU A 83 -18.16 -8.87 9.14
C LEU A 83 -18.66 -8.77 10.58
N GLN A 84 -19.28 -9.84 11.07
CA GLN A 84 -19.84 -9.86 12.41
C GLN A 84 -18.74 -9.73 13.46
N PHE A 85 -17.64 -10.45 13.24
CA PHE A 85 -16.50 -10.38 14.13
C PHE A 85 -15.97 -8.95 14.13
N TYR A 86 -15.73 -8.40 12.94
CA TYR A 86 -15.21 -7.03 12.84
C TYR A 86 -16.08 -6.00 13.57
N GLU A 87 -17.39 -6.07 13.36
CA GLU A 87 -18.28 -5.11 13.99
C GLU A 87 -18.30 -5.27 15.50
N GLU A 88 -18.12 -6.50 15.97
CA GLU A 88 -18.09 -6.76 17.40
C GLU A 88 -16.79 -6.26 18.03
N LEU A 89 -15.68 -6.43 17.32
CA LEU A 89 -14.39 -5.91 17.77
C LEU A 89 -14.43 -4.39 17.95
N ILE A 90 -15.04 -3.71 16.99
CA ILE A 90 -15.16 -2.25 17.06
C ILE A 90 -16.01 -1.84 18.27
N ALA A 91 -17.16 -2.51 18.43
CA ALA A 91 -18.04 -2.26 19.57
C ALA A 91 -17.30 -2.41 20.90
N GLU A 92 -16.31 -3.30 20.94
CA GLU A 92 -15.56 -3.54 22.16
C GLU A 92 -14.32 -2.65 22.30
N GLY A 93 -14.23 -1.63 21.46
CA GLY A 93 -13.24 -0.59 21.66
C GLY A 93 -11.95 -0.72 20.87
N PHE A 94 -11.86 -1.76 20.03
CA PHE A 94 -10.71 -1.85 19.14
C PHE A 94 -10.93 -0.92 17.95
N GLU A 95 -9.83 -0.48 17.34
CA GLU A 95 -9.90 0.28 16.09
C GLU A 95 -9.28 -0.57 15.01
N GLY A 96 -9.83 -0.51 13.81
CA GLY A 96 -9.25 -1.29 12.74
C GLY A 96 -9.85 -1.03 11.38
N LYS A 97 -9.46 -1.86 10.42
CA LYS A 97 -9.86 -1.72 9.03
C LYS A 97 -10.31 -3.08 8.51
N PHE A 98 -11.24 -3.07 7.58
CA PHE A 98 -11.75 -4.31 7.01
C PHE A 98 -12.39 -4.01 5.68
N LEU A 99 -12.13 -4.84 4.67
CA LEU A 99 -12.83 -4.68 3.41
C LEU A 99 -13.72 -5.90 3.14
N GLN A 100 -15.03 -5.71 3.24
CA GLN A 100 -15.99 -6.77 3.01
C GLN A 100 -15.91 -7.28 1.57
N ARG A 101 -16.16 -8.58 1.39
CA ARG A 101 -16.22 -9.22 0.08
C ARG A 101 -14.87 -9.38 -0.63
N ALA A 102 -13.78 -9.02 0.04
CA ALA A 102 -12.45 -9.29 -0.49
C ALA A 102 -12.30 -10.80 -0.67
N ARG A 103 -11.51 -11.21 -1.66
CA ARG A 103 -11.28 -12.65 -1.89
C ARG A 103 -10.42 -13.22 -0.76
N ILE A 104 -9.53 -12.40 -0.22
CA ILE A 104 -8.79 -12.72 0.99
C ILE A 104 -9.14 -11.68 2.06
N PRO A 105 -10.24 -11.92 2.80
CA PRO A 105 -10.68 -10.96 3.83
C PRO A 105 -9.67 -10.85 4.95
N ILE A 106 -9.39 -9.63 5.39
CA ILE A 106 -8.45 -9.37 6.46
C ILE A 106 -9.03 -8.30 7.38
N ILE A 107 -9.03 -8.57 8.69
CA ILE A 107 -9.27 -7.53 9.67
C ILE A 107 -7.93 -7.06 10.20
N LYS A 108 -7.65 -5.77 10.08
CA LYS A 108 -6.41 -5.23 10.65
C LYS A 108 -6.75 -4.36 11.82
N LEU A 109 -6.39 -4.78 13.03
CA LEU A 109 -6.61 -3.94 14.21
C LEU A 109 -5.39 -3.04 14.36
N THR A 110 -5.62 -1.76 14.66
CA THR A 110 -4.53 -0.79 14.69
C THR A 110 -4.42 -0.09 16.03
N SER A 111 -5.41 -0.28 16.89
CA SER A 111 -5.47 0.42 18.16
C SER A 111 -6.44 -0.25 19.11
N ASP A 112 -6.24 -0.02 20.41
CA ASP A 112 -7.18 -0.48 21.42
C ASP A 112 -7.45 0.68 22.37
N THR A 113 -8.72 1.00 22.55
CA THR A 113 -9.10 2.11 23.42
C THR A 113 -9.74 1.66 24.74
N LYS A 114 -9.81 0.35 24.99
CA LYS A 114 -10.54 -0.17 26.15
C LYS A 114 -9.90 -1.34 26.89
N ASN A 115 -9.14 -2.17 26.18
CA ASN A 115 -8.69 -3.44 26.74
C ASN A 115 -7.23 -3.42 27.20
N GLY A 116 -6.63 -2.23 27.16
CA GLY A 116 -5.29 -2.01 27.72
C GLY A 116 -4.13 -2.60 26.94
N PHE A 117 -4.28 -2.77 25.62
CA PHE A 117 -3.20 -3.35 24.83
C PHE A 117 -2.41 -2.28 24.09
N GLY A 118 -2.86 -1.03 24.19
CA GLY A 118 -2.07 0.09 23.73
C GLY A 118 -2.61 0.89 22.55
N ALA A 119 -2.19 2.14 22.48
CA ALA A 119 -2.53 3.01 21.35
C ALA A 119 -2.04 2.45 20.03
N SER A 120 -0.89 1.77 20.07
CA SER A 120 -0.25 1.21 18.87
C SER A 120 -0.35 -0.32 18.77
N PHE A 121 -1.38 -0.91 19.38
CA PHE A 121 -1.62 -2.34 19.27
C PHE A 121 -1.92 -2.71 17.81
N GLN A 122 -1.13 -3.61 17.23
CA GLN A 122 -1.31 -4.00 15.82
C GLN A 122 -1.52 -5.51 15.66
N CYS A 123 -2.62 -5.89 15.02
CA CYS A 123 -2.96 -7.29 14.85
C CYS A 123 -3.67 -7.52 13.51
N ALA A 124 -3.21 -8.51 12.73
CA ALA A 124 -3.86 -8.87 11.47
C ALA A 124 -4.61 -10.19 11.64
N ILE A 125 -5.89 -10.20 11.28
CA ILE A 125 -6.71 -11.40 11.44
C ILE A 125 -7.20 -11.87 10.07
N GLY A 126 -6.76 -13.07 9.66
CA GLY A 126 -7.24 -13.65 8.42
C GLY A 126 -8.22 -14.77 8.70
N PHE A 127 -8.69 -15.42 7.63
CA PHE A 127 -9.74 -16.41 7.73
C PHE A 127 -9.38 -17.67 6.98
N ASN A 128 -9.42 -18.80 7.69
CA ASN A 128 -9.14 -20.11 7.15
C ASN A 128 -7.83 -20.25 6.39
N ASN A 129 -6.79 -19.60 6.89
CA ASN A 129 -5.46 -19.71 6.31
C ASN A 129 -4.74 -20.89 6.97
N ARG A 130 -5.19 -22.11 6.67
CA ARG A 130 -4.64 -23.28 7.35
C ARG A 130 -3.19 -23.54 6.97
N LEU A 131 -2.80 -23.17 5.75
CA LEU A 131 -1.43 -23.43 5.30
C LEU A 131 -0.42 -22.64 6.13
N ALA A 132 -0.79 -21.41 6.51
CA ALA A 132 0.09 -20.58 7.34
C ALA A 132 0.25 -21.18 8.75
N ILE A 133 -0.81 -21.82 9.24
CA ILE A 133 -0.72 -22.47 10.55
C ILE A 133 0.25 -23.64 10.46
N HIS A 134 0.19 -24.38 9.35
CA HIS A 134 1.10 -25.52 9.19
C HIS A 134 2.54 -25.08 8.96
N ASN A 135 2.77 -24.05 8.16
CA ASN A 135 4.16 -23.65 7.99
C ASN A 135 4.74 -23.05 9.28
N THR A 136 3.86 -22.50 10.11
CA THR A 136 4.28 -22.07 11.45
C THR A 136 4.66 -23.28 12.33
N LEU A 137 3.90 -24.37 12.22
CA LEU A 137 4.23 -25.60 12.94
C LEU A 137 5.60 -26.08 12.52
N LEU A 138 5.88 -26.04 11.23
CA LEU A 138 7.19 -26.44 10.72
C LEU A 138 8.30 -25.57 11.32
N LEU A 139 8.15 -24.26 11.23
CA LEU A 139 9.18 -23.36 11.74
C LEU A 139 9.33 -23.51 13.27
N SER A 140 8.21 -23.69 13.98
CA SER A 140 8.26 -23.95 15.42
C SER A 140 9.09 -25.19 15.75
N SER A 141 8.93 -26.25 14.97
CA SER A 141 9.69 -27.48 15.22
C SER A 141 11.17 -27.26 15.01
N TYR A 142 11.54 -26.58 13.95
CA TYR A 142 12.96 -26.28 13.73
C TYR A 142 13.56 -25.44 14.87
N THR A 143 12.81 -24.47 15.40
CA THR A 143 13.35 -23.64 16.48
CA THR A 143 13.38 -23.63 16.47
C THR A 143 13.58 -24.45 17.75
N LYS A 144 12.75 -25.49 17.93
CA LYS A 144 12.91 -26.41 19.07
C LYS A 144 14.05 -27.40 18.89
N LEU A 145 14.42 -27.66 17.62
CA LEU A 145 15.45 -28.65 17.31
C LEU A 145 16.86 -28.13 17.53
N ASP A 146 17.08 -26.83 17.38
CA ASP A 146 18.43 -26.31 17.57
C ASP A 146 18.45 -24.90 18.12
N ALA A 147 19.18 -24.73 19.20
CA ALA A 147 19.19 -23.47 19.95
C ALA A 147 19.82 -22.29 19.19
N ARG A 148 20.49 -22.56 18.08
CA ARG A 148 21.12 -21.47 17.31
C ARG A 148 20.17 -20.83 16.32
N LEU A 149 19.07 -21.50 16.02
CA LEU A 149 18.16 -21.02 14.98
C LEU A 149 17.48 -19.72 15.36
N LYS A 150 16.92 -19.66 16.56
CA LYS A 150 16.22 -18.43 16.97
C LYS A 150 17.08 -17.14 16.89
N PRO A 151 18.28 -17.13 17.52
CA PRO A 151 19.05 -15.88 17.39
C PRO A 151 19.52 -15.60 15.95
N MET A 152 19.84 -16.64 15.19
CA MET A 152 20.24 -16.44 13.78
C MET A 152 19.12 -15.76 12.99
N VAL A 153 17.89 -16.24 13.19
CA VAL A 153 16.73 -15.68 12.50
C VAL A 153 16.45 -14.24 12.92
N LEU A 154 16.45 -13.96 14.22
CA LEU A 154 16.23 -12.58 14.67
C LEU A 154 17.26 -11.62 14.08
N LEU A 155 18.51 -12.05 14.04
CA LEU A 155 19.58 -11.19 13.58
C LEU A 155 19.47 -10.94 12.07
N VAL A 156 19.08 -11.97 11.32
CA VAL A 156 18.85 -11.80 9.88
C VAL A 156 17.65 -10.87 9.62
N LYS A 157 16.57 -11.02 10.38
CA LYS A 157 15.42 -10.12 10.24
C LYS A 157 15.76 -8.67 10.58
N HIS A 158 16.54 -8.49 11.64
CA HIS A 158 16.96 -7.17 12.08
C HIS A 158 17.84 -6.52 11.00
N TRP A 159 18.78 -7.28 10.47
CA TRP A 159 19.64 -6.82 9.38
C TRP A 159 18.80 -6.46 8.15
N ALA A 160 17.89 -7.34 7.76
CA ALA A 160 17.04 -7.05 6.60
C ALA A 160 16.21 -5.75 6.78
N LYS A 161 15.69 -5.53 7.98
CA LYS A 161 14.90 -4.33 8.23
C LYS A 161 15.78 -3.08 8.18
N ARG A 162 16.95 -3.18 8.80
CA ARG A 162 17.87 -2.04 8.88
C ARG A 162 18.40 -1.66 7.50
N LYS A 163 18.60 -2.64 6.64
CA LYS A 163 19.12 -2.37 5.30
C LYS A 163 18.03 -2.12 4.25
N GLN A 164 16.78 -2.02 4.67
CA GLN A 164 15.68 -1.67 3.76
C GLN A 164 15.41 -2.72 2.69
N ILE A 165 15.64 -3.99 3.01
CA ILE A 165 15.39 -5.06 2.05
C ILE A 165 14.32 -6.03 2.56
N ASN A 166 13.50 -5.55 3.48
CA ASN A 166 12.43 -6.32 4.11
C ASN A 166 11.08 -5.67 3.81
N SER A 167 10.93 -5.17 2.58
CA SER A 167 9.69 -4.54 2.17
C SER A 167 9.06 -5.18 0.91
N PRO A 168 8.24 -6.22 1.13
CA PRO A 168 7.56 -6.92 0.02
C PRO A 168 6.71 -5.96 -0.79
N TYR A 169 5.98 -5.08 -0.11
CA TYR A 169 5.08 -4.15 -0.78
C TYR A 169 5.85 -3.14 -1.62
N PHE A 170 7.16 -3.06 -1.41
CA PHE A 170 7.97 -2.11 -2.15
C PHE A 170 9.19 -2.75 -2.80
N GLY A 171 9.05 -3.99 -3.26
CA GLY A 171 10.04 -4.61 -4.12
C GLY A 171 11.06 -5.58 -3.53
N THR A 172 11.09 -5.71 -2.20
CA THR A 172 12.02 -6.68 -1.61
C THR A 172 11.28 -7.83 -0.91
N LEU A 173 11.88 -8.40 0.13
CA LEU A 173 11.45 -9.72 0.61
C LEU A 173 10.80 -9.74 2.00
N SER A 174 9.75 -10.54 2.13
CA SER A 174 9.09 -10.71 3.41
C SER A 174 10.01 -11.37 4.44
N SER A 175 9.72 -11.13 5.71
CA SER A 175 10.50 -11.75 6.78
C SER A 175 10.41 -13.27 6.67
N TYR A 176 9.22 -13.79 6.36
CA TYR A 176 9.08 -15.25 6.17
C TYR A 176 10.03 -15.74 5.08
N GLY A 177 10.18 -14.96 4.01
CA GLY A 177 11.13 -15.29 2.96
C GLY A 177 12.54 -15.43 3.51
N TYR A 178 12.94 -14.52 4.38
CA TYR A 178 14.30 -14.60 4.94
C TYR A 178 14.45 -15.85 5.82
N VAL A 179 13.42 -16.18 6.59
CA VAL A 179 13.48 -17.37 7.45
C VAL A 179 13.68 -18.62 6.60
N LEU A 180 12.99 -18.70 5.46
CA LEU A 180 13.16 -19.84 4.57
C LEU A 180 14.59 -19.87 3.97
N MET A 181 15.16 -18.71 3.65
CA MET A 181 16.54 -18.67 3.15
C MET A 181 17.50 -19.17 4.22
N VAL A 182 17.22 -18.81 5.46
CA VAL A 182 18.02 -19.29 6.57
C VAL A 182 17.88 -20.80 6.73
N LEU A 183 16.65 -21.30 6.75
CA LEU A 183 16.49 -22.75 6.88
C LEU A 183 17.14 -23.52 5.73
N TYR A 184 17.00 -23.03 4.51
CA TYR A 184 17.56 -23.72 3.35
C TYR A 184 19.07 -23.85 3.52
N TYR A 185 19.69 -22.76 3.95
CA TYR A 185 21.14 -22.77 4.15
C TYR A 185 21.52 -23.80 5.22
N LEU A 186 20.79 -23.81 6.33
CA LEU A 186 21.14 -24.70 7.43
C LEU A 186 20.87 -26.18 7.15
N ILE A 187 19.92 -26.48 6.25
CA ILE A 187 19.57 -27.86 5.92
C ILE A 187 20.40 -28.40 4.75
N HIS A 188 20.51 -27.60 3.70
CA HIS A 188 20.97 -28.13 2.41
C HIS A 188 22.30 -27.58 1.92
N VAL A 189 22.83 -26.57 2.60
CA VAL A 189 24.11 -25.99 2.16
C VAL A 189 25.25 -26.32 3.11
N ILE A 190 25.10 -25.92 4.37
CA ILE A 190 26.20 -26.07 5.31
C ILE A 190 26.51 -27.55 5.59
N LYS A 191 27.79 -27.88 5.73
CA LYS A 191 28.23 -29.24 6.02
C LYS A 191 29.12 -29.24 7.25
N PRO A 192 28.82 -30.09 8.25
CA PRO A 192 27.66 -31.00 8.37
C PRO A 192 26.39 -30.17 8.47
N PRO A 193 25.25 -30.70 8.02
CA PRO A 193 24.00 -29.95 8.11
C PRO A 193 23.67 -29.63 9.57
N VAL A 194 23.01 -28.50 9.80
CA VAL A 194 22.61 -28.17 11.16
C VAL A 194 21.36 -28.97 11.48
N PHE A 195 20.54 -29.14 10.44
CA PHE A 195 19.19 -29.72 10.51
C PHE A 195 19.00 -30.74 9.41
N PRO A 196 18.24 -31.82 9.69
CA PRO A 196 17.73 -32.67 8.60
C PRO A 196 16.56 -31.97 7.94
N ASN A 197 16.18 -32.45 6.75
CA ASN A 197 14.97 -31.94 6.10
C ASN A 197 13.79 -32.79 6.58
N LEU A 198 12.87 -32.19 7.34
CA LEU A 198 11.81 -32.96 7.98
C LEU A 198 10.74 -33.39 7.01
N LEU A 199 10.66 -32.72 5.86
CA LEU A 199 9.67 -33.06 4.85
C LEU A 199 10.10 -34.30 4.09
N LEU A 200 11.40 -34.49 3.96
CA LEU A 200 11.93 -35.57 3.13
C LEU A 200 12.40 -36.75 3.97
N SER A 201 12.21 -36.65 5.29
CA SER A 201 12.52 -37.79 6.15
C SER A 201 11.75 -39.03 5.71
N PRO A 202 12.39 -40.21 5.83
CA PRO A 202 11.68 -41.45 5.51
C PRO A 202 10.53 -41.70 6.49
N LEU A 203 10.55 -41.02 7.64
CA LEU A 203 9.47 -41.21 8.61
C LEU A 203 8.31 -40.25 8.38
N LYS A 204 8.51 -39.28 7.49
CA LYS A 204 7.43 -38.34 7.19
C LYS A 204 6.23 -39.07 6.61
N GLN A 205 5.03 -38.65 7.03
CA GLN A 205 3.79 -39.15 6.45
C GLN A 205 3.02 -38.05 5.75
N GLU A 206 2.45 -38.37 4.60
CA GLU A 206 1.60 -37.44 3.87
C GLU A 206 0.44 -36.96 4.76
N LYS A 207 0.16 -35.66 4.71
CA LYS A 207 -1.02 -35.09 5.36
C LYS A 207 -1.57 -34.00 4.45
N ILE A 208 -2.73 -34.25 3.85
CA ILE A 208 -3.25 -33.31 2.86
C ILE A 208 -4.18 -32.24 3.46
N VAL A 209 -3.77 -30.98 3.35
CA VAL A 209 -4.60 -29.86 3.83
C VAL A 209 -4.77 -28.80 2.73
N ASP A 210 -6.02 -28.43 2.44
CA ASP A 210 -6.31 -27.52 1.33
C ASP A 210 -5.56 -27.86 0.04
N GLY A 211 -5.45 -29.15 -0.26
CA GLY A 211 -4.86 -29.60 -1.50
C GLY A 211 -3.33 -29.68 -1.55
N PHE A 212 -2.68 -29.39 -0.42
CA PHE A 212 -1.22 -29.52 -0.36
C PHE A 212 -0.79 -30.46 0.76
N ASP A 213 0.39 -31.04 0.60
CA ASP A 213 0.90 -31.97 1.59
C ASP A 213 1.65 -31.18 2.67
N VAL A 214 1.10 -31.14 3.87
CA VAL A 214 1.73 -30.39 4.97
C VAL A 214 2.43 -31.32 5.93
N GLY A 215 2.62 -32.57 5.52
CA GLY A 215 3.26 -33.55 6.38
C GLY A 215 4.74 -33.34 6.59
N PHE A 216 5.21 -33.61 7.81
CA PHE A 216 6.64 -33.66 8.07
C PHE A 216 6.95 -34.52 9.30
N ASP A 217 8.21 -34.95 9.39
CA ASP A 217 8.71 -35.72 10.52
C ASP A 217 8.68 -34.86 11.79
N ASP A 218 7.62 -35.01 12.60
CA ASP A 218 7.42 -34.09 13.71
C ASP A 218 7.70 -34.67 15.10
N LYS A 219 8.08 -35.94 15.17
CA LYS A 219 8.44 -36.53 16.46
C LYS A 219 9.86 -36.08 16.84
N LEU A 220 9.94 -34.90 17.45
CA LEU A 220 11.24 -34.26 17.64
C LEU A 220 12.16 -34.98 18.61
N GLU A 221 11.58 -35.70 19.57
CA GLU A 221 12.40 -36.39 20.57
C GLU A 221 13.23 -37.50 19.94
N ASP A 222 12.84 -37.95 18.76
CA ASP A 222 13.60 -39.00 18.07
C ASP A 222 14.68 -38.46 17.11
N ILE A 223 14.74 -37.14 16.98
CA ILE A 223 15.76 -36.52 16.14
C ILE A 223 17.00 -36.26 17.00
N PRO A 224 18.17 -36.78 16.58
CA PRO A 224 19.39 -36.61 17.36
C PRO A 224 19.89 -35.17 17.32
N PRO A 225 20.73 -34.77 18.29
CA PRO A 225 21.30 -33.42 18.23
C PRO A 225 22.12 -33.21 16.96
N SER A 226 22.30 -31.96 16.58
CA SER A 226 23.04 -31.63 15.36
C SER A 226 24.47 -32.14 15.43
N GLN A 227 24.97 -32.66 14.30
CA GLN A 227 26.39 -32.98 14.20
C GLN A 227 27.21 -31.77 13.71
N ASN A 228 26.55 -30.62 13.56
CA ASN A 228 27.27 -29.38 13.30
C ASN A 228 27.48 -28.62 14.60
N TYR A 229 28.74 -28.33 14.93
CA TYR A 229 29.06 -27.68 16.20
C TYR A 229 29.52 -26.23 16.04
N SER A 230 29.22 -25.61 14.90
CA SER A 230 29.71 -24.25 14.63
C SER A 230 29.06 -23.23 15.57
N SER A 231 29.75 -22.12 15.82
CA SER A 231 29.18 -21.05 16.64
C SER A 231 28.13 -20.30 15.85
N LEU A 232 27.27 -19.57 16.55
CA LEU A 232 26.29 -18.70 15.89
C LEU A 232 26.95 -17.77 14.89
N GLY A 233 28.08 -17.19 15.29
CA GLY A 233 28.81 -16.27 14.41
C GLY A 233 29.29 -16.94 13.13
N SER A 234 29.84 -18.15 13.26
CA SER A 234 30.24 -18.91 12.09
C SER A 234 29.06 -19.22 11.15
N LEU A 235 27.91 -19.60 11.72
CA LEU A 235 26.71 -19.87 10.94
C LEU A 235 26.29 -18.65 10.14
N LEU A 236 26.27 -17.49 10.78
CA LEU A 236 25.80 -16.28 10.12
C LEU A 236 26.72 -15.83 8.99
N HIS A 237 28.03 -15.88 9.24
CA HIS A 237 29.03 -15.50 8.22
C HIS A 237 28.86 -16.40 7.01
N GLY A 238 28.70 -17.71 7.26
CA GLY A 238 28.48 -18.67 6.21
C GLY A 238 27.21 -18.39 5.41
N PHE A 239 26.13 -18.06 6.12
CA PHE A 239 24.86 -17.71 5.50
C PHE A 239 25.02 -16.51 4.55
N PHE A 240 25.66 -15.45 5.04
CA PHE A 240 25.84 -14.26 4.21
C PHE A 240 26.65 -14.57 2.95
N ARG A 241 27.73 -15.35 3.12
CA ARG A 241 28.63 -15.69 2.00
C ARG A 241 27.93 -16.54 0.96
N PHE A 242 27.06 -17.43 1.41
CA PHE A 242 26.36 -18.30 0.47
C PHE A 242 25.50 -17.49 -0.46
N TYR A 243 24.73 -16.57 0.10
CA TYR A 243 23.80 -15.82 -0.75
C TYR A 243 24.49 -14.67 -1.48
N ALA A 244 25.68 -14.29 -1.02
CA ALA A 244 26.45 -13.26 -1.70
C ALA A 244 27.15 -13.79 -2.94
N TYR A 245 27.71 -15.00 -2.84
CA TYR A 245 28.67 -15.48 -3.84
C TYR A 245 28.30 -16.78 -4.53
N LYS A 246 27.53 -17.62 -3.85
CA LYS A 246 27.38 -19.01 -4.30
C LYS A 246 26.02 -19.31 -4.89
N PHE A 247 24.97 -18.84 -4.21
CA PHE A 247 23.62 -19.03 -4.72
C PHE A 247 23.46 -18.30 -6.05
N GLU A 248 22.76 -18.94 -6.99
CA GLU A 248 22.58 -18.38 -8.33
C GLU A 248 21.11 -18.07 -8.57
N PRO A 249 20.67 -16.88 -8.19
CA PRO A 249 19.24 -16.61 -8.18
C PRO A 249 18.64 -16.52 -9.58
N ARG A 250 19.47 -16.38 -10.61
CA ARG A 250 18.94 -16.31 -11.98
C ARG A 250 18.46 -17.68 -12.46
N GLU A 251 19.07 -18.74 -11.95
CA GLU A 251 18.73 -20.09 -12.42
C GLU A 251 18.15 -21.01 -11.35
N LYS A 252 18.41 -20.73 -10.08
CA LYS A 252 18.12 -21.71 -9.03
C LYS A 252 16.91 -21.35 -8.15
N VAL A 253 16.32 -22.37 -7.54
CA VAL A 253 15.17 -22.17 -6.65
C VAL A 253 15.55 -22.62 -5.24
N VAL A 254 15.30 -21.77 -4.25
CA VAL A 254 15.42 -22.19 -2.86
C VAL A 254 14.27 -23.19 -2.62
N THR A 255 14.60 -24.40 -2.22
CA THR A 255 13.59 -25.46 -2.16
C THR A 255 13.80 -26.37 -0.98
N PHE A 256 12.70 -26.92 -0.48
CA PHE A 256 12.76 -27.94 0.59
C PHE A 256 12.26 -29.29 0.08
N ARG A 257 12.12 -29.40 -1.22
CA ARG A 257 11.53 -30.59 -1.82
C ARG A 257 12.52 -31.48 -2.58
N ARG A 258 13.81 -31.15 -2.50
CA ARG A 258 14.84 -31.98 -3.15
C ARG A 258 15.90 -32.45 -2.16
N PRO A 259 16.30 -33.74 -2.25
CA PRO A 259 17.26 -34.31 -1.30
C PRO A 259 18.59 -33.55 -1.29
N ASP A 260 19.01 -33.04 -2.46
CA ASP A 260 20.28 -32.31 -2.54
C ASP A 260 20.06 -30.79 -2.56
N GLY A 261 18.80 -30.37 -2.46
CA GLY A 261 18.48 -28.96 -2.45
C GLY A 261 18.64 -28.30 -3.82
N TYR A 262 18.76 -29.12 -4.86
CA TYR A 262 18.99 -28.62 -6.23
C TYR A 262 17.70 -28.58 -7.03
N LEU A 263 17.35 -27.40 -7.55
CA LEU A 263 16.11 -27.23 -8.32
C LEU A 263 16.24 -26.00 -9.22
N THR A 264 15.98 -26.13 -10.52
CA THR A 264 16.11 -24.97 -11.42
C THR A 264 14.77 -24.31 -11.69
N LYS A 265 14.79 -23.04 -12.04
CA LYS A 265 13.57 -22.33 -12.39
C LYS A 265 12.89 -22.99 -13.59
N GLN A 266 13.69 -23.65 -14.42
CA GLN A 266 13.18 -24.36 -15.59
C GLN A 266 12.32 -25.56 -15.22
N GLU A 267 12.89 -26.45 -14.42
CA GLU A 267 12.21 -27.63 -13.93
C GLU A 267 10.91 -27.27 -13.22
N LYS A 268 10.95 -26.14 -12.53
CA LYS A 268 9.82 -25.69 -11.73
C LYS A 268 8.79 -24.97 -12.60
N GLY A 269 9.23 -24.43 -13.73
CA GLY A 269 8.32 -23.71 -14.62
C GLY A 269 8.11 -22.29 -14.14
N TRP A 270 9.10 -21.79 -13.40
CA TRP A 270 9.07 -20.43 -12.85
C TRP A 270 10.07 -19.53 -13.57
N THR A 271 9.77 -19.20 -14.83
CA THR A 271 10.72 -18.46 -15.66
C THR A 271 10.34 -17.00 -15.91
N SER A 272 9.19 -16.76 -16.53
CA SER A 272 8.74 -15.38 -16.79
C SER A 272 8.13 -14.71 -15.56
N ARG A 287 5.79 -13.33 -10.47
CA ARG A 287 7.18 -12.86 -10.55
C ARG A 287 8.18 -13.86 -9.93
N TYR A 288 9.27 -14.13 -10.65
CA TYR A 288 10.22 -15.15 -10.23
C TYR A 288 11.66 -14.66 -10.31
N ILE A 289 11.90 -13.39 -9.99
CA ILE A 289 13.26 -12.86 -10.01
C ILE A 289 14.09 -13.53 -8.91
N LEU A 290 13.54 -13.59 -7.71
CA LEU A 290 14.07 -14.47 -6.65
C LEU A 290 13.03 -15.56 -6.43
N ALA A 291 13.44 -16.83 -6.54
CA ALA A 291 12.51 -17.95 -6.44
C ALA A 291 12.71 -18.70 -5.13
N ILE A 292 11.70 -18.66 -4.26
CA ILE A 292 11.72 -19.42 -3.01
C ILE A 292 10.42 -20.21 -2.94
N GLU A 293 10.53 -21.52 -3.14
CA GLU A 293 9.35 -22.39 -3.17
C GLU A 293 8.87 -22.67 -1.74
N ASP A 294 7.65 -22.25 -1.40
CA ASP A 294 7.13 -22.55 -0.07
C ASP A 294 7.15 -24.05 0.17
N PRO A 295 7.57 -24.50 1.37
CA PRO A 295 7.76 -25.94 1.57
C PRO A 295 6.47 -26.74 1.45
N PHE A 296 5.32 -26.13 1.75
CA PHE A 296 4.04 -26.84 1.66
C PHE A 296 3.21 -26.39 0.44
N GLU A 297 2.96 -25.09 0.32
CA GLU A 297 2.21 -24.58 -0.81
C GLU A 297 3.19 -24.39 -1.97
N ILE A 298 3.56 -25.48 -2.62
CA ILE A 298 4.71 -25.44 -3.54
C ILE A 298 4.47 -24.62 -4.81
N SER A 299 3.23 -24.25 -5.06
CA SER A 299 2.92 -23.43 -6.23
C SER A 299 3.08 -21.95 -5.92
N HIS A 300 3.43 -21.64 -4.67
CA HIS A 300 3.60 -20.26 -4.24
C HIS A 300 5.08 -19.89 -4.16
N ASN A 301 5.47 -18.84 -4.87
CA ASN A 301 6.83 -18.31 -4.75
C ASN A 301 6.83 -17.23 -3.68
N VAL A 302 7.43 -17.54 -2.53
CA VAL A 302 7.49 -16.61 -1.41
C VAL A 302 8.21 -15.33 -1.83
N GLY A 303 9.12 -15.43 -2.79
CA GLY A 303 9.84 -14.27 -3.26
C GLY A 303 9.18 -13.58 -4.45
N ARG A 304 7.90 -13.86 -4.66
CA ARG A 304 7.15 -13.22 -5.76
C ARG A 304 7.17 -11.67 -5.72
N THR A 305 7.44 -11.11 -4.54
CA THR A 305 7.39 -9.66 -4.38
C THR A 305 8.69 -9.00 -4.81
N VAL A 306 9.72 -9.79 -5.10
CA VAL A 306 11.05 -9.25 -5.34
C VAL A 306 11.24 -8.77 -6.78
N SER A 307 11.57 -7.48 -6.93
CA SER A 307 11.80 -6.90 -8.26
C SER A 307 13.25 -7.03 -8.70
N SER A 308 13.55 -6.63 -9.94
CA SER A 308 14.92 -6.65 -10.42
C SER A 308 15.82 -5.73 -9.60
N SER A 309 15.29 -4.57 -9.22
CA SER A 309 16.04 -3.61 -8.43
C SER A 309 16.18 -4.08 -6.97
N GLY A 310 15.10 -4.66 -6.45
CA GLY A 310 15.11 -5.24 -5.12
C GLY A 310 16.15 -6.34 -4.97
N LEU A 311 16.26 -7.23 -5.95
CA LEU A 311 17.27 -8.29 -5.88
C LEU A 311 18.70 -7.75 -5.92
N TYR A 312 18.94 -6.76 -6.77
CA TYR A 312 20.28 -6.18 -6.90
C TYR A 312 20.69 -5.56 -5.57
N ARG A 313 19.74 -4.94 -4.88
CA ARG A 313 19.99 -4.34 -3.57
C ARG A 313 20.15 -5.42 -2.51
N ILE A 314 19.33 -6.48 -2.60
CA ILE A 314 19.48 -7.63 -1.68
C ILE A 314 20.85 -8.27 -1.85
N ARG A 315 21.22 -8.59 -3.09
CA ARG A 315 22.54 -9.14 -3.34
C ARG A 315 23.67 -8.21 -2.87
N GLY A 316 23.48 -6.91 -3.04
CA GLY A 316 24.52 -5.95 -2.67
C GLY A 316 24.76 -5.97 -1.17
N GLU A 317 23.68 -6.07 -0.41
CA GLU A 317 23.79 -6.15 1.04
C GLU A 317 24.41 -7.46 1.53
N PHE A 318 24.12 -8.58 0.87
CA PHE A 318 24.77 -9.84 1.21
C PHE A 318 26.27 -9.75 1.02
N MET A 319 26.69 -9.12 -0.08
CA MET A 319 28.13 -8.94 -0.33
C MET A 319 28.76 -8.02 0.70
N ALA A 320 28.06 -6.94 1.06
CA ALA A 320 28.58 -5.99 2.04
C ALA A 320 28.75 -6.66 3.41
N ALA A 321 27.78 -7.51 3.77
CA ALA A 321 27.84 -8.24 5.03
C ALA A 321 29.02 -9.21 5.01
N SER A 322 29.19 -9.90 3.90
CA SER A 322 30.29 -10.84 3.76
C SER A 322 31.63 -10.13 3.81
N ARG A 323 31.74 -9.01 3.11
CA ARG A 323 33.01 -8.26 3.08
C ARG A 323 33.38 -7.79 4.47
N LEU A 324 32.40 -7.30 5.21
CA LEU A 324 32.64 -6.86 6.59
C LEU A 324 33.24 -7.99 7.41
N LEU A 325 32.61 -9.16 7.35
CA LEU A 325 33.02 -10.28 8.20
C LEU A 325 34.28 -11.00 7.71
N ASN A 326 34.68 -10.74 6.47
CA ASN A 326 35.92 -11.33 5.96
C ASN A 326 37.15 -10.45 6.15
N SER A 327 36.94 -9.28 6.77
CA SER A 327 38.03 -8.34 7.01
C SER A 327 39.15 -8.98 7.82
N ARG A 328 40.39 -8.67 7.46
CA ARG A 328 41.56 -9.23 8.14
C ARG A 328 42.05 -8.28 9.22
N SER A 329 41.42 -7.11 9.28
CA SER A 329 41.75 -6.11 10.28
C SER A 329 41.19 -6.51 11.65
N TYR A 330 41.59 -5.76 12.68
CA TYR A 330 41.07 -5.95 14.03
C TYR A 330 41.05 -4.61 14.76
N PRO A 331 39.97 -4.32 15.51
CA PRO A 331 38.73 -5.10 15.58
C PRO A 331 37.81 -4.78 14.40
N ILE A 332 36.94 -5.72 14.04
CA ILE A 332 35.97 -5.48 12.98
C ILE A 332 34.78 -4.71 13.56
N PRO A 333 34.35 -3.63 12.89
CA PRO A 333 33.21 -2.86 13.37
C PRO A 333 31.90 -3.56 13.07
N TYR A 334 31.55 -4.55 13.89
CA TYR A 334 30.36 -5.35 13.61
C TYR A 334 29.09 -4.51 13.60
N ASP A 335 29.10 -3.40 14.33
CA ASP A 335 27.97 -2.47 14.42
C ASP A 335 27.39 -2.09 13.06
N SER A 336 28.28 -1.94 12.08
CA SER A 336 27.85 -1.51 10.74
C SER A 336 26.87 -2.49 10.12
N LEU A 337 26.88 -3.74 10.58
CA LEU A 337 25.98 -4.76 10.05
C LEU A 337 24.52 -4.39 10.28
N PHE A 338 24.24 -3.66 11.36
CA PHE A 338 22.88 -3.26 11.67
C PHE A 338 22.63 -1.77 11.57
N GLU A 339 23.56 -1.05 10.93
CA GLU A 339 23.33 0.37 10.67
C GLU A 339 22.44 0.55 9.45
N GLU A 340 21.54 1.53 9.52
CA GLU A 340 20.58 1.78 8.47
C GLU A 340 21.19 2.00 7.08
N ALA A 341 20.38 1.75 6.05
CA ALA A 341 20.68 2.08 4.65
C ALA A 341 21.67 1.12 4.00
N ASP B 2 -30.81 -0.39 -13.31
CA ASP B 2 -31.25 0.95 -12.93
C ASP B 2 -31.82 1.73 -14.12
N MET B 3 -33.13 1.98 -14.10
CA MET B 3 -33.81 2.65 -15.21
C MET B 3 -34.38 4.03 -14.83
N SER B 4 -34.05 4.50 -13.63
CA SER B 4 -34.62 5.73 -13.08
C SER B 4 -34.25 7.01 -13.86
N HIS B 5 -33.11 6.99 -14.55
CA HIS B 5 -32.54 8.19 -15.17
C HIS B 5 -32.00 7.92 -16.57
N LYS B 6 -32.76 7.20 -17.39
CA LYS B 6 -32.30 6.78 -18.71
C LYS B 6 -32.01 7.92 -19.70
N GLU B 7 -32.94 8.86 -19.83
CA GLU B 7 -32.73 9.98 -20.76
C GLU B 7 -31.63 10.94 -20.29
N PHE B 8 -31.58 11.20 -18.99
CA PHE B 8 -30.53 12.06 -18.45
C PHE B 8 -29.16 11.41 -18.68
N THR B 9 -29.07 10.10 -18.44
CA THR B 9 -27.81 9.38 -18.65
C THR B 9 -27.35 9.48 -20.10
N LYS B 10 -28.29 9.29 -21.03
CA LYS B 10 -27.98 9.35 -22.45
C LYS B 10 -27.43 10.71 -22.84
N PHE B 11 -28.01 11.76 -22.26
CA PHE B 11 -27.54 13.13 -22.46
C PHE B 11 -26.14 13.31 -21.88
N CYS B 12 -25.92 12.77 -20.69
CA CYS B 12 -24.62 12.87 -20.03
C CYS B 12 -23.48 12.31 -20.89
N TYR B 13 -23.68 11.15 -21.49
CA TYR B 13 -22.63 10.57 -22.33
C TYR B 13 -22.42 11.34 -23.62
N GLU B 14 -23.47 11.94 -24.16
CA GLU B 14 -23.32 12.77 -25.35
C GLU B 14 -22.44 13.98 -25.02
N VAL B 15 -22.72 14.63 -23.89
CA VAL B 15 -21.95 15.79 -23.47
C VAL B 15 -20.53 15.36 -23.14
N TYR B 16 -20.40 14.23 -22.45
CA TYR B 16 -19.08 13.68 -22.11
C TYR B 16 -18.23 13.54 -23.37
N ASN B 17 -18.82 13.00 -24.43
CA ASN B 17 -18.08 12.77 -25.67
C ASN B 17 -17.60 14.05 -26.35
N GLU B 18 -18.34 15.15 -26.13
CA GLU B 18 -17.93 16.43 -26.68
C GLU B 18 -16.85 17.16 -25.89
N ILE B 19 -16.82 16.97 -24.58
CA ILE B 19 -15.97 17.80 -23.73
C ILE B 19 -14.66 17.14 -23.35
N LYS B 20 -14.59 15.82 -23.47
CA LYS B 20 -13.39 15.08 -23.07
C LYS B 20 -12.23 15.40 -24.00
N ILE B 21 -11.00 15.25 -23.50
CA ILE B 21 -9.84 15.47 -24.35
C ILE B 21 -9.81 14.43 -25.48
N SER B 22 -9.54 14.91 -26.70
CA SER B 22 -9.46 14.02 -27.86
C SER B 22 -8.18 13.21 -27.85
N ASP B 23 -8.18 12.08 -28.56
CA ASP B 23 -6.98 11.28 -28.75
C ASP B 23 -5.85 12.15 -29.29
N LYS B 24 -6.20 13.06 -30.21
CA LYS B 24 -5.22 13.94 -30.85
C LYS B 24 -4.51 14.88 -29.88
N GLU B 25 -5.27 15.69 -29.14
CA GLU B 25 -4.68 16.60 -28.17
C GLU B 25 -3.93 15.82 -27.10
N PHE B 26 -4.44 14.64 -26.74
CA PHE B 26 -3.75 13.81 -25.76
C PHE B 26 -2.38 13.40 -26.26
N LYS B 27 -2.31 12.93 -27.51
CA LYS B 27 -1.03 12.56 -28.12
C LYS B 27 -0.08 13.75 -28.14
N GLU B 28 -0.61 14.93 -28.42
CA GLU B 28 0.19 16.15 -28.53
C GLU B 28 0.78 16.56 -27.19
N LYS B 29 0.00 16.40 -26.13
CA LYS B 29 0.45 16.71 -24.78
C LYS B 29 1.55 15.77 -24.33
N ARG B 30 1.35 14.49 -24.60
CA ARG B 30 2.33 13.48 -24.23
C ARG B 30 3.63 13.66 -25.01
N ALA B 31 3.52 14.05 -26.27
CA ALA B 31 4.70 14.35 -27.07
C ALA B 31 5.46 15.55 -26.51
N ALA B 32 4.75 16.56 -26.04
CA ALA B 32 5.39 17.71 -25.43
C ALA B 32 6.12 17.27 -24.16
N LEU B 33 5.47 16.43 -23.36
CA LEU B 33 6.12 15.88 -22.17
C LEU B 33 7.41 15.13 -22.50
N ASP B 34 7.35 14.27 -23.50
CA ASP B 34 8.54 13.52 -23.91
C ASP B 34 9.66 14.45 -24.39
N THR B 35 9.28 15.53 -25.07
CA THR B 35 10.28 16.49 -25.54
C THR B 35 10.93 17.23 -24.38
N LEU B 36 10.10 17.63 -23.43
CA LEU B 36 10.58 18.34 -22.24
C LEU B 36 11.47 17.44 -21.38
N ARG B 37 11.16 16.16 -21.35
CA ARG B 37 11.97 15.22 -20.58
C ARG B 37 13.37 15.09 -21.19
N LEU B 38 13.44 15.02 -22.52
CA LEU B 38 14.72 14.97 -23.22
C LEU B 38 15.55 16.22 -22.95
N CYS B 39 14.89 17.37 -22.88
CA CYS B 39 15.57 18.63 -22.56
CA CYS B 39 15.59 18.60 -22.58
C CYS B 39 16.19 18.57 -21.18
N LEU B 40 15.43 18.07 -20.21
CA LEU B 40 15.91 17.95 -18.83
C LEU B 40 17.11 17.03 -18.76
N LYS B 41 17.02 15.89 -19.43
CA LYS B 41 18.12 14.94 -19.44
C LYS B 41 19.40 15.43 -20.14
N ARG B 42 19.33 16.48 -20.93
CA ARG B 42 20.57 17.05 -21.47
C ARG B 42 21.29 17.90 -20.43
N ILE B 43 20.58 18.33 -19.39
CA ILE B 43 21.25 19.12 -18.35
C ILE B 43 21.52 18.36 -17.04
N SER B 44 20.75 17.31 -16.76
CA SER B 44 21.00 16.46 -15.60
C SER B 44 20.60 15.01 -15.87
N PRO B 45 21.48 14.05 -15.56
CA PRO B 45 21.06 12.66 -15.78
C PRO B 45 20.23 12.15 -14.62
N ASP B 46 20.28 12.86 -13.49
CA ASP B 46 19.60 12.36 -12.28
C ASP B 46 18.15 12.85 -12.11
N ALA B 47 17.85 14.01 -12.66
CA ALA B 47 16.51 14.59 -12.52
C ALA B 47 15.50 13.88 -13.42
N GLU B 48 14.27 13.78 -12.95
CA GLU B 48 13.21 13.21 -13.76
C GLU B 48 12.08 14.22 -13.87
N LEU B 49 11.26 14.08 -14.89
CA LEU B 49 10.16 15.00 -15.09
C LEU B 49 8.89 14.17 -15.09
N VAL B 50 8.00 14.50 -14.15
CA VAL B 50 6.82 13.69 -13.87
C VAL B 50 5.56 14.53 -14.09
N ALA B 51 4.56 13.97 -14.77
CA ALA B 51 3.28 14.66 -14.95
C ALA B 51 2.35 14.33 -13.79
N PHE B 52 1.56 15.30 -13.34
CA PHE B 52 0.50 15.04 -12.35
C PHE B 52 -0.78 15.76 -12.74
N GLY B 53 -1.81 15.73 -11.89
CA GLY B 53 -3.06 16.39 -12.23
C GLY B 53 -3.84 15.68 -13.33
N SER B 54 -4.80 16.39 -13.94
CA SER B 54 -5.82 15.72 -14.76
C SER B 54 -5.34 14.95 -15.99
N LEU B 55 -4.33 15.46 -16.69
CA LEU B 55 -3.80 14.74 -17.84
C LEU B 55 -3.33 13.34 -17.45
N GLU B 56 -2.67 13.25 -16.29
CA GLU B 56 -2.09 11.99 -15.82
C GLU B 56 -3.18 11.08 -15.29
N SER B 57 -4.18 11.66 -14.63
CA SER B 57 -5.23 10.85 -14.02
C SER B 57 -6.30 10.49 -15.04
N GLY B 58 -6.26 11.13 -16.21
CA GLY B 58 -7.22 10.86 -17.25
C GLY B 58 -8.55 11.57 -17.01
N LEU B 59 -8.50 12.65 -16.23
CA LEU B 59 -9.70 13.42 -15.88
C LEU B 59 -9.65 14.80 -16.51
N ALA B 60 -9.12 14.91 -17.73
CA ALA B 60 -8.94 16.23 -18.33
C ALA B 60 -10.02 16.57 -19.35
N LEU B 61 -10.40 17.85 -19.40
CA LEU B 61 -11.23 18.37 -20.48
C LEU B 61 -10.33 18.80 -21.63
N LYS B 62 -10.90 19.09 -22.80
CA LYS B 62 -10.04 19.58 -23.89
C LYS B 62 -9.45 20.96 -23.56
N ASN B 63 -8.31 21.27 -24.19
CA ASN B 63 -7.57 22.51 -23.94
C ASN B 63 -7.11 22.67 -22.49
N SER B 64 -6.91 21.55 -21.80
CA SER B 64 -6.52 21.59 -20.41
C SER B 64 -5.05 21.89 -20.26
N ASP B 65 -4.69 22.45 -19.10
CA ASP B 65 -3.32 22.76 -18.74
C ASP B 65 -2.56 21.49 -18.43
N MET B 66 -1.24 21.52 -18.61
CA MET B 66 -0.36 20.45 -18.14
C MET B 66 0.28 20.88 -16.82
N ASP B 67 0.40 19.94 -15.89
CA ASP B 67 1.10 20.20 -14.64
C ASP B 67 2.22 19.18 -14.55
N LEU B 68 3.45 19.67 -14.48
CA LEU B 68 4.60 18.79 -14.42
C LEU B 68 5.46 19.16 -13.23
N CYS B 69 6.31 18.23 -12.82
CA CYS B 69 7.08 18.33 -11.62
C CYS B 69 8.50 17.82 -11.92
N VAL B 70 9.52 18.62 -11.63
CA VAL B 70 10.88 18.10 -11.73
C VAL B 70 11.28 17.44 -10.40
N LEU B 71 11.66 16.16 -10.45
CA LEU B 71 12.07 15.43 -9.26
C LEU B 71 13.58 15.35 -9.16
N MET B 72 14.14 15.81 -8.04
CA MET B 72 15.59 15.79 -7.83
C MET B 72 15.93 15.86 -6.34
N THR B 80 19.81 26.32 -9.80
CA THR B 80 20.76 25.28 -10.19
C THR B 80 20.34 24.60 -11.49
N ILE B 81 19.77 23.41 -11.37
CA ILE B 81 19.27 22.67 -12.52
C ILE B 81 18.08 23.39 -13.13
N ALA B 82 17.26 23.99 -12.27
CA ALA B 82 16.06 24.68 -12.71
C ALA B 82 16.35 25.82 -13.70
N LEU B 83 17.34 26.65 -13.39
CA LEU B 83 17.64 27.79 -14.26
C LEU B 83 18.18 27.29 -15.60
N GLN B 84 19.12 26.34 -15.58
CA GLN B 84 19.65 25.77 -16.81
C GLN B 84 18.57 25.08 -17.62
N PHE B 85 17.65 24.42 -16.91
CA PHE B 85 16.53 23.74 -17.57
C PHE B 85 15.74 24.79 -18.32
N TYR B 86 15.37 25.86 -17.63
CA TYR B 86 14.60 26.94 -18.24
C TYR B 86 15.34 27.51 -19.44
N GLU B 87 16.61 27.84 -19.27
CA GLU B 87 17.45 28.36 -20.34
C GLU B 87 17.50 27.41 -21.54
N GLU B 88 17.66 26.12 -21.27
CA GLU B 88 17.72 25.12 -22.32
C GLU B 88 16.36 25.00 -23.00
N LEU B 89 15.30 25.20 -22.21
CA LEU B 89 13.93 25.16 -22.71
C LEU B 89 13.65 26.21 -23.77
N ILE B 90 13.89 27.46 -23.42
CA ILE B 90 13.65 28.59 -24.32
C ILE B 90 14.56 28.50 -25.55
N ALA B 91 15.82 28.14 -25.33
CA ALA B 91 16.79 28.00 -26.42
C ALA B 91 16.45 26.83 -27.35
N GLU B 92 15.44 26.05 -27.00
CA GLU B 92 15.01 24.93 -27.83
C GLU B 92 13.60 25.15 -28.41
N GLY B 93 13.11 26.39 -28.31
CA GLY B 93 11.86 26.73 -28.95
C GLY B 93 10.68 27.06 -28.05
N PHE B 94 10.86 26.92 -26.74
CA PHE B 94 9.76 27.17 -25.81
C PHE B 94 9.65 28.63 -25.37
N GLU B 95 8.42 29.06 -25.12
CA GLU B 95 8.16 30.42 -24.65
C GLU B 95 7.52 30.38 -23.26
N GLY B 96 8.03 31.23 -22.36
CA GLY B 96 7.46 31.31 -21.03
C GLY B 96 8.41 31.99 -20.06
N LYS B 97 8.11 31.89 -18.77
CA LYS B 97 8.90 32.57 -17.75
C LYS B 97 9.34 31.63 -16.64
N PHE B 98 10.53 31.87 -16.09
CA PHE B 98 10.95 31.18 -14.88
C PHE B 98 10.62 32.09 -13.70
N LEU B 99 9.48 31.85 -13.08
CA LEU B 99 9.05 32.63 -11.93
C LEU B 99 9.82 32.12 -10.72
N GLN B 100 10.87 32.86 -10.34
CA GLN B 100 11.78 32.41 -9.29
C GLN B 100 12.07 33.50 -8.26
N ILE B 104 8.42 29.37 -3.82
CA ILE B 104 8.80 28.14 -4.52
C ILE B 104 8.74 28.32 -6.06
N PRO B 105 9.87 28.07 -6.73
CA PRO B 105 10.01 28.31 -8.18
C PRO B 105 9.01 27.53 -9.05
N ILE B 106 8.61 28.15 -10.17
CA ILE B 106 7.76 27.51 -11.17
C ILE B 106 8.21 27.99 -12.54
N ILE B 107 8.25 27.08 -13.52
CA ILE B 107 8.42 27.48 -14.90
C ILE B 107 7.05 27.45 -15.55
N LYS B 108 6.61 28.59 -16.10
CA LYS B 108 5.31 28.63 -16.76
C LYS B 108 5.55 28.77 -18.26
N LEU B 109 5.24 27.73 -19.01
CA LEU B 109 5.35 27.76 -20.47
C LEU B 109 3.98 27.99 -21.10
N THR B 110 3.90 28.85 -22.13
CA THR B 110 2.61 29.29 -22.63
C THR B 110 2.39 28.97 -24.10
N SER B 111 3.45 28.48 -24.75
CA SER B 111 3.37 27.99 -26.12
C SER B 111 4.66 27.23 -26.42
N SER B 120 -3.22 27.18 -26.80
CA SER B 120 -3.86 25.96 -26.34
C SER B 120 -2.90 25.16 -25.47
N PHE B 121 -1.79 25.79 -25.10
CA PHE B 121 -0.70 25.10 -24.42
C PHE B 121 -0.20 25.88 -23.21
N GLN B 122 -0.77 25.60 -22.05
CA GLN B 122 -0.28 26.18 -20.81
C GLN B 122 0.32 25.04 -19.99
N CYS B 123 1.62 25.11 -19.77
CA CYS B 123 2.32 24.08 -19.01
C CYS B 123 3.01 24.71 -17.82
N ALA B 124 2.73 24.20 -16.62
CA ALA B 124 3.37 24.70 -15.43
C ALA B 124 4.31 23.63 -14.88
N ILE B 125 5.58 23.98 -14.68
CA ILE B 125 6.54 23.01 -14.18
C ILE B 125 7.04 23.42 -12.79
N GLY B 126 6.73 22.59 -11.80
CA GLY B 126 7.15 22.83 -10.44
C GLY B 126 8.31 21.93 -10.03
N PHE B 127 8.75 22.07 -8.80
CA PHE B 127 9.93 21.36 -8.38
C PHE B 127 9.65 20.59 -7.09
N ASN B 128 9.82 19.27 -7.18
CA ASN B 128 9.63 18.36 -6.03
C ASN B 128 8.25 18.46 -5.34
N ASN B 129 7.18 18.56 -6.14
CA ASN B 129 5.81 18.54 -5.60
C ASN B 129 5.34 17.09 -5.43
N ARG B 130 5.94 16.38 -4.49
CA ARG B 130 5.67 14.95 -4.37
C ARG B 130 4.25 14.65 -3.87
N LEU B 131 3.71 15.52 -3.03
CA LEU B 131 2.36 15.29 -2.53
C LEU B 131 1.36 15.31 -3.69
N ALA B 132 1.55 16.22 -4.63
CA ALA B 132 0.59 16.29 -5.75
C ALA B 132 0.69 15.06 -6.61
N ILE B 133 1.90 14.53 -6.76
CA ILE B 133 2.10 13.30 -7.51
C ILE B 133 1.33 12.16 -6.82
N HIS B 134 1.35 12.14 -5.49
CA HIS B 134 0.65 11.07 -4.78
C HIS B 134 -0.88 11.20 -4.77
N ASN B 135 -1.42 12.40 -4.68
CA ASN B 135 -2.88 12.49 -4.76
C ASN B 135 -3.40 12.25 -6.18
N THR B 136 -2.54 12.46 -7.17
CA THR B 136 -2.89 12.11 -8.54
C THR B 136 -2.90 10.60 -8.73
N LEU B 137 -2.00 9.90 -8.04
CA LEU B 137 -2.00 8.45 -8.06
C LEU B 137 -3.29 7.94 -7.45
N LEU B 138 -3.75 8.61 -6.40
CA LEU B 138 -4.99 8.18 -5.75
C LEU B 138 -6.15 8.35 -6.72
N LEU B 139 -6.25 9.53 -7.32
CA LEU B 139 -7.31 9.79 -8.29
C LEU B 139 -7.22 8.85 -9.50
N SER B 140 -5.99 8.56 -9.95
CA SER B 140 -5.81 7.60 -11.05
C SER B 140 -6.32 6.20 -10.71
N SER B 141 -6.04 5.75 -9.49
CA SER B 141 -6.54 4.45 -9.03
C SER B 141 -8.05 4.37 -9.04
N TYR B 142 -8.72 5.44 -8.58
CA TYR B 142 -10.17 5.46 -8.60
C TYR B 142 -10.74 5.46 -10.02
N THR B 143 -10.10 6.13 -10.98
CA THR B 143 -10.65 6.12 -12.33
CA THR B 143 -10.62 6.15 -12.35
C THR B 143 -10.52 4.74 -12.94
N LYS B 144 -9.53 3.97 -12.50
CA LYS B 144 -9.33 2.62 -12.99
C LYS B 144 -10.32 1.64 -12.39
N LEU B 145 -10.83 1.96 -11.20
CA LEU B 145 -11.72 1.03 -10.50
C LEU B 145 -13.13 1.00 -11.10
N ASP B 146 -13.59 2.14 -11.61
CA ASP B 146 -14.96 2.19 -12.14
C ASP B 146 -15.05 3.23 -13.25
N ALA B 147 -15.57 2.82 -14.41
CA ALA B 147 -15.57 3.67 -15.60
C ALA B 147 -16.66 4.74 -15.55
N ARG B 148 -17.47 4.74 -14.50
CA ARG B 148 -18.43 5.84 -14.32
C ARG B 148 -17.75 7.09 -13.77
N LEU B 149 -16.59 6.93 -13.14
CA LEU B 149 -15.95 8.08 -12.49
C LEU B 149 -15.50 9.14 -13.45
N LYS B 150 -14.79 8.74 -14.51
CA LYS B 150 -14.28 9.72 -15.46
C LYS B 150 -15.36 10.64 -16.06
N PRO B 151 -16.44 10.06 -16.62
CA PRO B 151 -17.40 11.01 -17.19
C PRO B 151 -18.12 11.87 -16.13
N MET B 152 -18.34 11.30 -14.95
CA MET B 152 -19.00 12.05 -13.89
C MET B 152 -18.15 13.25 -13.51
N VAL B 153 -16.84 13.02 -13.41
CA VAL B 153 -15.91 14.09 -13.04
C VAL B 153 -15.83 15.18 -14.13
N LEU B 154 -15.76 14.76 -15.38
CA LEU B 154 -15.66 15.73 -16.47
C LEU B 154 -16.91 16.59 -16.53
N LEU B 155 -18.06 15.96 -16.31
CA LEU B 155 -19.34 16.67 -16.35
C LEU B 155 -19.46 17.67 -15.20
N VAL B 156 -19.02 17.27 -14.00
CA VAL B 156 -18.99 18.18 -12.85
C VAL B 156 -18.04 19.37 -13.08
N LYS B 157 -16.86 19.10 -13.62
CA LYS B 157 -15.90 20.16 -13.91
C LYS B 157 -16.45 21.12 -14.96
N HIS B 158 -17.16 20.56 -15.95
CA HIS B 158 -17.72 21.34 -17.06
C HIS B 158 -18.83 22.26 -16.54
N TRP B 159 -19.68 21.70 -15.69
CA TRP B 159 -20.73 22.42 -14.98
C TRP B 159 -20.17 23.56 -14.13
N ALA B 160 -19.12 23.26 -13.36
CA ALA B 160 -18.54 24.27 -12.48
C ALA B 160 -17.92 25.44 -13.26
N LYS B 161 -17.30 25.16 -14.41
CA LYS B 161 -16.72 26.23 -15.21
C LYS B 161 -17.82 27.08 -15.82
N ARG B 162 -18.83 26.40 -16.34
CA ARG B 162 -19.95 27.07 -16.99
C ARG B 162 -20.70 27.98 -16.03
N LYS B 163 -20.86 27.54 -14.79
CA LYS B 163 -21.61 28.29 -13.80
C LYS B 163 -20.73 29.28 -13.05
N GLN B 164 -19.47 29.37 -13.45
CA GLN B 164 -18.53 30.32 -12.83
C GLN B 164 -18.31 30.06 -11.35
N ILE B 165 -18.20 28.78 -10.96
CA ILE B 165 -17.92 28.44 -9.56
C ILE B 165 -16.63 27.63 -9.43
N ASN B 166 -15.77 27.78 -10.44
CA ASN B 166 -14.51 27.05 -10.54
C ASN B 166 -13.35 28.06 -10.59
N SER B 167 -13.45 29.15 -9.84
CA SER B 167 -12.43 30.18 -9.86
C SER B 167 -11.84 30.42 -8.47
N PRO B 168 -10.84 29.61 -8.09
CA PRO B 168 -10.31 29.65 -6.72
C PRO B 168 -9.61 30.95 -6.38
N TYR B 169 -9.30 31.74 -7.39
CA TYR B 169 -8.70 33.06 -7.15
C TYR B 169 -9.79 34.10 -6.92
N PHE B 170 -11.03 33.72 -7.19
CA PHE B 170 -12.16 34.64 -7.02
C PHE B 170 -13.24 34.12 -6.08
N GLY B 171 -12.82 33.33 -5.09
CA GLY B 171 -13.69 32.99 -3.98
C GLY B 171 -14.50 31.71 -4.14
N THR B 172 -14.33 31.04 -5.28
CA THR B 172 -14.91 29.69 -5.45
C THR B 172 -13.84 28.59 -5.40
N LEU B 173 -14.10 27.45 -6.04
CA LEU B 173 -13.38 26.22 -5.72
C LEU B 173 -12.57 25.64 -6.88
N SER B 174 -11.38 25.12 -6.56
CA SER B 174 -10.53 24.49 -7.56
C SER B 174 -11.20 23.23 -8.13
N SER B 175 -10.79 22.86 -9.33
CA SER B 175 -11.26 21.61 -9.95
C SER B 175 -10.94 20.39 -9.10
N TYR B 176 -9.78 20.40 -8.47
CA TYR B 176 -9.38 19.32 -7.57
C TYR B 176 -10.35 19.25 -6.41
N GLY B 177 -10.75 20.41 -5.90
CA GLY B 177 -11.80 20.49 -4.90
C GLY B 177 -13.08 19.79 -5.34
N TYR B 178 -13.54 20.04 -6.56
CA TYR B 178 -14.74 19.33 -7.03
C TYR B 178 -14.52 17.83 -7.18
N VAL B 179 -13.30 17.40 -7.54
CA VAL B 179 -13.06 15.95 -7.69
C VAL B 179 -13.15 15.27 -6.34
N LEU B 180 -12.63 15.92 -5.31
CA LEU B 180 -12.73 15.37 -3.95
C LEU B 180 -14.19 15.32 -3.48
N MET B 181 -14.96 16.35 -3.78
CA MET B 181 -16.39 16.29 -3.46
C MET B 181 -17.05 15.13 -4.19
N VAL B 182 -16.64 14.86 -5.42
CA VAL B 182 -17.20 13.72 -6.17
C VAL B 182 -16.81 12.40 -5.51
N LEU B 183 -15.52 12.24 -5.19
CA LEU B 183 -15.06 11.02 -4.56
C LEU B 183 -15.72 10.79 -3.20
N TYR B 184 -15.83 11.84 -2.39
CA TYR B 184 -16.43 11.70 -1.06
C TYR B 184 -17.86 11.18 -1.18
N TYR B 185 -18.62 11.75 -2.10
CA TYR B 185 -19.99 11.28 -2.36
C TYR B 185 -20.02 9.79 -2.75
N LEU B 186 -19.19 9.41 -3.71
CA LEU B 186 -19.17 8.03 -4.19
C LEU B 186 -18.66 6.99 -3.19
N ILE B 187 -17.83 7.41 -2.25
CA ILE B 187 -17.27 6.50 -1.25
C ILE B 187 -18.12 6.46 0.01
N HIS B 188 -18.47 7.63 0.55
CA HIS B 188 -19.03 7.72 1.89
C HIS B 188 -20.50 8.12 1.98
N VAL B 189 -21.10 8.54 0.88
CA VAL B 189 -22.50 8.97 0.96
C VAL B 189 -23.45 7.96 0.35
N ILE B 190 -23.25 7.65 -0.92
CA ILE B 190 -24.20 6.85 -1.66
C ILE B 190 -24.20 5.43 -1.13
N LYS B 191 -25.37 4.79 -1.09
CA LYS B 191 -25.49 3.44 -0.57
C LYS B 191 -26.17 2.58 -1.64
N PRO B 192 -25.56 1.45 -2.03
CA PRO B 192 -24.24 0.95 -1.66
C PRO B 192 -23.16 1.88 -2.20
N PRO B 193 -21.96 1.83 -1.59
CA PRO B 193 -20.88 2.69 -2.09
C PRO B 193 -20.52 2.29 -3.51
N VAL B 194 -20.11 3.25 -4.33
CA VAL B 194 -19.54 2.93 -5.64
C VAL B 194 -18.12 2.39 -5.47
N PHE B 195 -17.42 2.98 -4.51
CA PHE B 195 -15.99 2.77 -4.24
C PHE B 195 -15.78 2.49 -2.78
N PRO B 196 -14.81 1.63 -2.43
CA PRO B 196 -14.38 1.65 -1.03
C PRO B 196 -13.35 2.75 -0.81
N ASN B 197 -13.06 3.06 0.46
CA ASN B 197 -12.02 4.04 0.76
C ASN B 197 -10.67 3.34 0.79
N LEU B 198 -9.80 3.66 -0.18
CA LEU B 198 -8.51 2.99 -0.34
C LEU B 198 -7.51 3.32 0.77
N LEU B 199 -7.69 4.46 1.43
CA LEU B 199 -6.84 4.82 2.57
C LEU B 199 -7.14 3.94 3.78
N LEU B 200 -8.35 3.39 3.84
CA LEU B 200 -8.83 2.63 4.99
C LEU B 200 -8.90 1.13 4.72
N SER B 201 -8.28 0.70 3.62
CA SER B 201 -8.16 -0.73 3.35
C SER B 201 -7.21 -1.39 4.36
N PRO B 202 -7.50 -2.64 4.76
CA PRO B 202 -6.58 -3.32 5.67
C PRO B 202 -5.22 -3.60 5.03
N LEU B 203 -5.13 -3.49 3.70
CA LEU B 203 -3.87 -3.73 3.01
C LEU B 203 -3.04 -2.45 2.80
N LYS B 204 -3.61 -1.30 3.17
CA LYS B 204 -2.88 -0.03 3.09
C LYS B 204 -1.64 -0.05 3.99
N GLN B 205 -0.52 0.45 3.46
CA GLN B 205 0.73 0.56 4.21
C GLN B 205 1.10 2.03 4.38
N GLU B 206 1.67 2.38 5.54
CA GLU B 206 2.17 3.73 5.75
C GLU B 206 3.27 4.05 4.74
N LYS B 207 3.22 5.25 4.15
CA LYS B 207 4.35 5.75 3.37
C LYS B 207 4.46 7.24 3.60
N ILE B 208 5.52 7.68 4.26
CA ILE B 208 5.66 9.09 4.60
C ILE B 208 6.38 9.84 3.48
N VAL B 209 5.74 10.89 2.96
CA VAL B 209 6.34 11.74 1.95
C VAL B 209 6.12 13.17 2.38
N ASP B 210 7.19 13.94 2.49
CA ASP B 210 7.13 15.32 2.98
C ASP B 210 6.34 15.42 4.29
N GLY B 211 6.49 14.40 5.14
CA GLY B 211 5.93 14.42 6.48
C GLY B 211 4.45 14.08 6.57
N PHE B 212 3.88 13.57 5.49
CA PHE B 212 2.49 13.11 5.51
C PHE B 212 2.40 11.67 5.04
N ASP B 213 1.41 10.95 5.55
CA ASP B 213 1.16 9.58 5.11
C ASP B 213 0.37 9.61 3.80
N VAL B 214 1.02 9.24 2.70
CA VAL B 214 0.36 9.17 1.39
C VAL B 214 -0.01 7.76 0.99
N GLY B 215 0.06 6.83 1.95
CA GLY B 215 -0.17 5.43 1.61
C GLY B 215 -1.66 5.18 1.37
N PHE B 216 -1.95 4.31 0.41
CA PHE B 216 -3.30 3.78 0.20
C PHE B 216 -3.15 2.46 -0.51
N ASP B 217 -4.22 1.68 -0.55
CA ASP B 217 -4.20 0.39 -1.22
C ASP B 217 -4.29 0.59 -2.73
N ASP B 218 -3.19 0.43 -3.45
CA ASP B 218 -3.21 0.63 -4.91
C ASP B 218 -3.23 -0.67 -5.74
N LYS B 219 -3.43 -1.81 -5.08
CA LYS B 219 -3.54 -3.09 -5.80
C LYS B 219 -4.98 -3.41 -6.14
N LEU B 220 -5.48 -2.79 -7.20
CA LEU B 220 -6.90 -2.79 -7.53
C LEU B 220 -7.49 -4.15 -7.93
N GLU B 221 -6.64 -5.09 -8.32
CA GLU B 221 -7.09 -6.41 -8.77
C GLU B 221 -7.84 -7.16 -7.68
N ASP B 222 -7.51 -6.84 -6.42
CA ASP B 222 -8.09 -7.52 -5.27
C ASP B 222 -9.22 -6.73 -4.60
N ILE B 223 -9.68 -5.67 -5.27
CA ILE B 223 -10.82 -4.90 -4.81
C ILE B 223 -12.10 -5.53 -5.33
N PRO B 224 -13.07 -5.81 -4.44
CA PRO B 224 -14.30 -6.48 -4.90
C PRO B 224 -15.12 -5.54 -5.78
N PRO B 225 -15.90 -6.10 -6.72
CA PRO B 225 -16.66 -5.28 -7.67
C PRO B 225 -17.63 -4.37 -6.94
N SER B 226 -18.03 -3.27 -7.55
CA SER B 226 -19.03 -2.40 -6.93
C SER B 226 -20.39 -3.11 -6.86
N GLN B 227 -21.11 -2.88 -5.77
CA GLN B 227 -22.46 -3.39 -5.68
C GLN B 227 -23.46 -2.29 -6.04
N ASN B 228 -22.95 -1.11 -6.39
CA ASN B 228 -23.83 -0.04 -6.85
C ASN B 228 -23.94 -0.06 -8.37
N TYR B 229 -25.16 -0.24 -8.87
CA TYR B 229 -25.41 -0.35 -10.31
C TYR B 229 -26.10 0.87 -10.89
N SER B 230 -26.04 2.00 -10.19
CA SER B 230 -26.68 3.22 -10.65
C SER B 230 -26.12 3.66 -11.99
N SER B 231 -26.96 4.27 -12.82
CA SER B 231 -26.49 4.88 -14.06
C SER B 231 -25.70 6.14 -13.74
N LEU B 232 -24.86 6.58 -14.69
CA LEU B 232 -24.13 7.84 -14.59
C LEU B 232 -25.12 8.96 -14.24
N GLY B 233 -26.31 8.90 -14.81
CA GLY B 233 -27.31 9.93 -14.55
C GLY B 233 -27.82 9.93 -13.12
N SER B 234 -28.07 8.74 -12.57
CA SER B 234 -28.48 8.63 -11.16
C SER B 234 -27.39 9.12 -10.19
N LEU B 235 -26.13 8.82 -10.50
CA LEU B 235 -25.02 9.25 -9.69
C LEU B 235 -24.94 10.77 -9.63
N LEU B 236 -25.02 11.41 -10.79
CA LEU B 236 -24.92 12.86 -10.86
C LEU B 236 -26.10 13.53 -10.16
N HIS B 237 -27.30 12.99 -10.35
CA HIS B 237 -28.48 13.55 -9.69
C HIS B 237 -28.31 13.52 -8.17
N GLY B 238 -27.88 12.36 -7.66
CA GLY B 238 -27.67 12.20 -6.24
C GLY B 238 -26.59 13.11 -5.69
N PHE B 239 -25.52 13.28 -6.47
CA PHE B 239 -24.42 14.17 -6.11
C PHE B 239 -24.92 15.63 -5.96
N PHE B 240 -25.72 16.08 -6.92
CA PHE B 240 -26.23 17.45 -6.87
C PHE B 240 -27.15 17.63 -5.67
N ARG B 241 -28.04 16.67 -5.45
CA ARG B 241 -28.97 16.74 -4.32
C ARG B 241 -28.26 16.72 -2.98
N PHE B 242 -27.19 15.94 -2.88
CA PHE B 242 -26.51 15.82 -1.61
C PHE B 242 -25.88 17.14 -1.19
N TYR B 243 -25.15 17.77 -2.10
CA TYR B 243 -24.50 19.03 -1.75
C TYR B 243 -25.48 20.22 -1.79
N ALA B 244 -26.62 20.06 -2.46
CA ALA B 244 -27.65 21.10 -2.44
C ALA B 244 -28.36 21.15 -1.08
N TYR B 245 -28.74 19.98 -0.56
CA TYR B 245 -29.69 19.94 0.54
C TYR B 245 -29.24 19.24 1.82
N LYS B 246 -28.33 18.27 1.71
CA LYS B 246 -28.00 17.39 2.84
C LYS B 246 -26.70 17.77 3.53
N PHE B 247 -25.66 18.03 2.75
CA PHE B 247 -24.36 18.37 3.32
C PHE B 247 -24.48 19.69 4.08
N GLU B 248 -23.85 19.77 5.25
CA GLU B 248 -23.93 20.95 6.11
C GLU B 248 -22.56 21.62 6.19
N PRO B 249 -22.29 22.56 5.27
CA PRO B 249 -20.99 23.23 5.16
C PRO B 249 -20.58 24.04 6.40
N ARG B 250 -21.55 24.45 7.23
CA ARG B 250 -21.22 25.21 8.44
C ARG B 250 -20.67 24.32 9.55
N GLU B 251 -21.01 23.05 9.50
CA GLU B 251 -20.72 22.13 10.59
C GLU B 251 -19.75 21.01 10.24
N LYS B 252 -19.73 20.59 8.98
CA LYS B 252 -19.08 19.33 8.61
C LYS B 252 -17.90 19.52 7.65
N VAL B 253 -17.05 18.50 7.60
CA VAL B 253 -15.84 18.54 6.78
C VAL B 253 -15.88 17.36 5.81
N VAL B 254 -15.62 17.61 4.54
CA VAL B 254 -15.46 16.51 3.58
C VAL B 254 -14.14 15.83 3.94
N THR B 255 -14.15 14.52 4.22
CA THR B 255 -12.94 13.84 4.72
C THR B 255 -12.82 12.41 4.19
N PHE B 256 -11.59 11.94 4.05
CA PHE B 256 -11.32 10.57 3.62
C PHE B 256 -10.68 9.75 4.73
N ARG B 257 -10.68 10.29 5.94
CA ARG B 257 -10.02 9.62 7.06
C ARG B 257 -10.95 9.00 8.10
N ARG B 258 -12.26 8.97 7.82
CA ARG B 258 -13.22 8.37 8.74
C ARG B 258 -13.99 7.21 8.08
N PRO B 259 -14.24 6.14 8.84
CA PRO B 259 -14.92 4.95 8.28
C PRO B 259 -16.30 5.31 7.76
N ASP B 260 -16.97 6.26 8.41
CA ASP B 260 -18.33 6.65 8.04
C ASP B 260 -18.37 8.01 7.37
N GLY B 261 -17.19 8.60 7.16
CA GLY B 261 -17.09 9.90 6.52
C GLY B 261 -17.61 11.06 7.35
N TYR B 262 -17.75 10.83 8.66
CA TYR B 262 -18.30 11.85 9.55
C TYR B 262 -17.18 12.58 10.28
N LEU B 263 -17.18 13.91 10.18
CA LEU B 263 -16.18 14.72 10.87
C LEU B 263 -16.66 16.16 10.97
N THR B 264 -16.63 16.71 12.18
CA THR B 264 -17.06 18.09 12.38
C THR B 264 -15.90 19.07 12.32
N LYS B 265 -16.20 20.30 11.90
CA LYS B 265 -15.21 21.38 11.90
C LYS B 265 -14.70 21.60 13.31
N GLN B 266 -15.55 21.39 14.30
CA GLN B 266 -15.15 21.55 15.69
C GLN B 266 -14.07 20.53 16.07
N GLU B 267 -14.31 19.25 15.76
CA GLU B 267 -13.32 18.21 16.07
C GLU B 267 -12.03 18.46 15.33
N LYS B 268 -12.16 19.04 14.14
CA LYS B 268 -11.03 19.26 13.25
C LYS B 268 -10.23 20.48 13.68
N GLY B 269 -10.88 21.40 14.39
CA GLY B 269 -10.25 22.64 14.77
C GLY B 269 -10.25 23.61 13.60
N TRP B 270 -11.20 23.44 12.70
CA TRP B 270 -11.30 24.28 11.50
C TRP B 270 -12.50 25.21 11.56
N THR B 271 -12.65 25.90 12.68
CA THR B 271 -13.71 26.89 12.82
C THR B 271 -13.26 28.20 12.18
N SER B 272 -12.39 28.91 12.88
CA SER B 272 -11.85 30.18 12.39
C SER B 272 -10.67 29.97 11.44
N ARG B 287 -11.72 30.85 4.69
CA ARG B 287 -10.61 29.99 5.06
C ARG B 287 -11.17 28.59 5.28
N TYR B 288 -12.21 28.48 6.11
CA TYR B 288 -12.85 27.21 6.36
C TYR B 288 -14.38 27.30 6.20
N ILE B 289 -14.81 28.16 5.29
CA ILE B 289 -16.22 28.32 4.98
C ILE B 289 -16.77 27.03 4.34
N LEU B 290 -16.01 26.51 3.38
CA LEU B 290 -16.24 25.17 2.86
C LEU B 290 -15.00 24.38 3.26
N ALA B 291 -15.19 23.32 4.02
CA ALA B 291 -14.07 22.55 4.54
C ALA B 291 -13.94 21.21 3.83
N ILE B 292 -12.81 21.02 3.12
CA ILE B 292 -12.55 19.79 2.39
C ILE B 292 -11.13 19.35 2.76
N GLU B 293 -11.02 18.34 3.60
CA GLU B 293 -9.70 17.90 4.07
C GLU B 293 -8.97 17.12 2.97
N ASP B 294 -7.76 17.55 2.60
CA ASP B 294 -7.01 16.78 1.62
C ASP B 294 -6.77 15.40 2.19
N PRO B 295 -6.88 14.36 1.36
CA PRO B 295 -6.76 13.00 1.91
C PRO B 295 -5.38 12.72 2.52
N PHE B 296 -4.34 13.41 2.02
CA PHE B 296 -2.98 13.14 2.47
C PHE B 296 -2.39 14.28 3.29
N GLU B 297 -2.44 15.48 2.73
CA GLU B 297 -1.94 16.66 3.45
C GLU B 297 -3.08 17.22 4.28
N ILE B 298 -3.29 16.64 5.47
CA ILE B 298 -4.54 16.81 6.18
C ILE B 298 -4.69 18.17 6.85
N SER B 299 -3.62 18.93 6.93
CA SER B 299 -3.67 20.28 7.49
C SER B 299 -4.08 21.28 6.42
N HIS B 300 -4.27 20.81 5.20
CA HIS B 300 -4.62 21.68 4.09
C HIS B 300 -6.10 21.57 3.77
N ASN B 301 -6.82 22.68 3.88
CA ASN B 301 -8.23 22.73 3.45
C ASN B 301 -8.25 23.06 1.97
N VAL B 302 -8.63 22.09 1.14
CA VAL B 302 -8.69 22.32 -0.30
C VAL B 302 -9.70 23.43 -0.61
N GLY B 303 -10.69 23.58 0.26
CA GLY B 303 -11.69 24.63 0.06
C GLY B 303 -11.29 25.95 0.69
N ARG B 304 -10.00 26.13 1.00
CA ARG B 304 -9.55 27.35 1.69
C ARG B 304 -9.81 28.64 0.91
N THR B 305 -10.00 28.51 -0.40
CA THR B 305 -10.24 29.65 -1.28
C THR B 305 -11.69 30.12 -1.29
N VAL B 306 -12.59 29.34 -0.70
CA VAL B 306 -14.01 29.64 -0.82
C VAL B 306 -14.47 30.70 0.20
N SER B 307 -15.03 31.78 -0.32
CA SER B 307 -15.54 32.86 0.52
C SER B 307 -17.00 32.61 0.89
N SER B 308 -17.57 33.48 1.72
CA SER B 308 -18.99 33.41 2.01
C SER B 308 -19.81 33.54 0.74
N SER B 309 -19.48 34.54 -0.07
CA SER B 309 -20.24 34.77 -1.31
C SER B 309 -20.04 33.65 -2.33
N GLY B 310 -18.82 33.12 -2.39
CA GLY B 310 -18.54 31.99 -3.26
C GLY B 310 -19.37 30.78 -2.87
N LEU B 311 -19.45 30.50 -1.57
CA LEU B 311 -20.22 29.35 -1.11
C LEU B 311 -21.70 29.56 -1.41
N TYR B 312 -22.18 30.79 -1.29
CA TYR B 312 -23.59 31.07 -1.61
CA TYR B 312 -23.59 31.06 -1.60
C TYR B 312 -23.87 30.77 -3.07
N ARG B 313 -22.90 31.09 -3.92
CA ARG B 313 -23.03 30.83 -5.35
C ARG B 313 -22.98 29.32 -5.64
N ILE B 314 -22.02 28.65 -5.03
CA ILE B 314 -21.85 27.20 -5.20
C ILE B 314 -23.10 26.47 -4.74
N ARG B 315 -23.56 26.76 -3.53
CA ARG B 315 -24.78 26.13 -3.03
C ARG B 315 -26.00 26.46 -3.89
N GLY B 316 -26.08 27.70 -4.39
CA GLY B 316 -27.17 28.08 -5.28
C GLY B 316 -27.19 27.28 -6.56
N GLU B 317 -26.01 26.99 -7.12
CA GLU B 317 -25.95 26.19 -8.32
C GLU B 317 -26.26 24.72 -8.08
N PHE B 318 -25.87 24.20 -6.91
CA PHE B 318 -26.24 22.83 -6.57
C PHE B 318 -27.76 22.73 -6.48
N MET B 319 -28.39 23.71 -5.85
CA MET B 319 -29.84 23.70 -5.69
C MET B 319 -30.55 23.86 -7.04
N ALA B 320 -30.00 24.71 -7.90
CA ALA B 320 -30.58 24.92 -9.24
C ALA B 320 -30.53 23.63 -10.04
N ALA B 321 -29.41 22.91 -9.91
CA ALA B 321 -29.24 21.64 -10.61
C ALA B 321 -30.24 20.61 -10.09
N SER B 322 -30.41 20.57 -8.77
CA SER B 322 -31.32 19.62 -8.15
C SER B 322 -32.76 19.88 -8.59
N ARG B 323 -33.15 21.15 -8.60
CA ARG B 323 -34.49 21.55 -9.05
C ARG B 323 -34.73 21.09 -10.47
N LEU B 324 -33.74 21.29 -11.32
CA LEU B 324 -33.86 20.94 -12.74
C LEU B 324 -34.12 19.45 -12.91
N LEU B 325 -33.38 18.63 -12.17
CA LEU B 325 -33.48 17.18 -12.32
C LEU B 325 -34.74 16.58 -11.65
N ASN B 326 -35.28 17.26 -10.63
CA ASN B 326 -36.53 16.83 -9.99
C ASN B 326 -37.75 17.51 -10.61
N SER B 327 -37.55 18.06 -11.80
CA SER B 327 -38.61 18.80 -12.49
C SER B 327 -39.86 17.96 -12.75
N ARG B 328 -41.03 18.59 -12.72
CA ARG B 328 -42.27 17.90 -13.07
C ARG B 328 -42.50 17.99 -14.57
N SER B 329 -41.67 18.79 -15.25
CA SER B 329 -41.78 18.97 -16.69
C SER B 329 -41.29 17.71 -17.40
N TYR B 330 -41.75 17.53 -18.64
CA TYR B 330 -41.21 16.50 -19.52
C TYR B 330 -41.48 16.82 -20.99
N PRO B 331 -40.44 16.72 -21.84
CA PRO B 331 -39.08 16.28 -21.47
C PRO B 331 -38.29 17.35 -20.70
N ILE B 332 -37.51 16.93 -19.71
CA ILE B 332 -36.68 17.84 -18.93
C ILE B 332 -35.61 18.45 -19.85
N PRO B 333 -35.39 19.78 -19.75
CA PRO B 333 -34.36 20.44 -20.55
C PRO B 333 -32.97 20.36 -19.87
N TYR B 334 -32.29 19.25 -20.07
CA TYR B 334 -30.99 19.04 -19.42
C TYR B 334 -29.91 20.01 -19.90
N ASP B 335 -30.05 20.51 -21.12
CA ASP B 335 -29.16 21.53 -21.70
C ASP B 335 -28.87 22.68 -20.72
N SER B 336 -29.91 23.07 -19.99
CA SER B 336 -29.82 24.18 -19.04
C SER B 336 -28.76 23.92 -17.96
N LEU B 337 -28.43 22.65 -17.73
CA LEU B 337 -27.47 22.31 -16.68
C LEU B 337 -26.08 22.86 -16.98
N PHE B 338 -25.74 22.94 -18.27
CA PHE B 338 -24.41 23.40 -18.67
C PHE B 338 -24.44 24.78 -19.32
N GLU B 339 -25.58 25.46 -19.20
CA GLU B 339 -25.70 26.83 -19.70
C GLU B 339 -24.82 27.78 -18.90
N GLU B 340 -24.15 28.67 -19.62
CA GLU B 340 -23.30 29.71 -19.03
C GLU B 340 -23.97 30.50 -17.90
N ALA B 341 -23.15 30.95 -16.95
CA ALA B 341 -23.58 31.77 -15.81
C ALA B 341 -24.56 31.06 -14.90
#